data_7Z98
#
_entry.id   7Z98
#
_cell.length_a   94.485
_cell.length_b   94.485
_cell.length_c   111.009
_cell.angle_alpha   90.000
_cell.angle_beta   90.000
_cell.angle_gamma   120.000
#
_symmetry.space_group_name_H-M   'P 32 2 1'
#
loop_
_entity.id
_entity.type
_entity.pdbx_description
1 polymer 'Putative dehydrogenase/oxygenase subunit (Flavoprotein)'
2 non-polymer 'FLAVIN-ADENINE DINUCLEOTIDE'
3 non-polymer 1,2-ETHANEDIOL
4 non-polymer (methylsulfanyl)benzene
5 water water
#
_entity_poly.entity_id   1
_entity_poly.type   'polypeptide(L)'
_entity_poly.pdbx_seq_one_letter_code
;MGHHHHHHHHHHSSGHIEGRHMKRIAIVGAGQSGLQLGLGLLAAGYEVTMFSNRTGEDIRRGKVMSSQCMFDTSLQIERD
LGLDHWASDCPTVDGIGLAVPHPEQKGAKVIDWAARLNASAQSVDQRLKIPAWMDEFQKKGGELVFKDAGIDELEACTQS
HDLTLVASGKGEISKLFERDAHKSPYDKPQRALALTYVKGMAPREPFSAVCMNLIPGVGEYFVFPALTTTGPCEIMVFEG
VPGGPMDCWADVKTPEEHLARSKWILDTFTPWEAERCKDIELTDDNGILAGRFAPTVRKPVATLPSGRKVLGLADVVVLN
DPITGQGSNNAAKCADTYLKSILARGDGAADAAWMQQTFDRYWFGYAQWVTQWTNMLLAPPPPHVLNLLGSAGAVPPLAS
AFANGFDDPRTFFPWFADAAESERYIATCAAVA
;
_entity_poly.pdbx_strand_id   A
#
loop_
_chem_comp.id
_chem_comp.type
_chem_comp.name
_chem_comp.formula
16R non-polymer (methylsulfanyl)benzene 'C7 H8 S'
EDO non-polymer 1,2-ETHANEDIOL 'C2 H6 O2'
FAD non-polymer 'FLAVIN-ADENINE DINUCLEOTIDE' 'C27 H33 N9 O15 P2'
#
# COMPACT_ATOMS: atom_id res chain seq x y z
N LYS A 23 10.04 -28.87 -1.93
CA LYS A 23 9.20 -28.79 -0.75
C LYS A 23 9.82 -28.02 0.42
N ARG A 24 11.03 -27.49 0.24
CA ARG A 24 11.65 -26.61 1.23
C ARG A 24 11.83 -25.23 0.63
N ILE A 25 11.26 -24.22 1.28
CA ILE A 25 11.23 -22.86 0.78
C ILE A 25 11.82 -21.93 1.84
N ALA A 26 12.66 -21.00 1.41
CA ALA A 26 13.25 -19.97 2.27
C ALA A 26 12.75 -18.59 1.82
N ILE A 27 12.47 -17.74 2.80
CA ILE A 27 12.00 -16.38 2.57
C ILE A 27 12.78 -15.45 3.48
N VAL A 28 13.38 -14.43 2.90
CA VAL A 28 14.11 -13.41 3.64
C VAL A 28 13.25 -12.17 3.73
N GLY A 29 12.84 -11.83 4.96
CA GLY A 29 11.99 -10.68 5.18
C GLY A 29 10.62 -11.04 5.70
N ALA A 30 10.42 -10.83 7.00
CA ALA A 30 9.19 -11.21 7.68
C ALA A 30 8.22 -10.02 7.69
N GLY A 31 7.71 -9.73 6.50
CA GLY A 31 6.74 -8.67 6.27
C GLY A 31 5.41 -9.16 5.76
N GLN A 32 4.60 -8.27 5.19
CA GLN A 32 3.25 -8.67 4.78
CA GLN A 32 3.25 -8.66 4.78
C GLN A 32 3.30 -9.79 3.74
N SER A 33 4.04 -9.59 2.64
CA SER A 33 4.00 -10.58 1.57
C SER A 33 4.72 -11.85 2.01
N GLY A 34 5.85 -11.70 2.70
CA GLY A 34 6.62 -12.87 3.09
C GLY A 34 5.89 -13.76 4.06
N LEU A 35 5.20 -13.16 5.03
CA LEU A 35 4.45 -13.94 6.01
C LEU A 35 3.17 -14.52 5.39
N GLN A 36 2.49 -13.77 4.53
CA GLN A 36 1.28 -14.34 3.93
C GLN A 36 1.66 -15.54 3.08
N LEU A 37 2.71 -15.40 2.27
CA LEU A 37 3.20 -16.52 1.47
C LEU A 37 3.65 -17.67 2.35
N GLY A 38 4.45 -17.40 3.39
CA GLY A 38 4.93 -18.46 4.25
C GLY A 38 3.82 -19.25 4.90
N LEU A 39 2.79 -18.56 5.41
CA LEU A 39 1.66 -19.25 6.02
C LEU A 39 0.89 -20.07 5.00
N GLY A 40 0.71 -19.53 3.80
CA GLY A 40 0.05 -20.32 2.77
C GLY A 40 0.82 -21.59 2.46
N LEU A 41 2.15 -21.48 2.41
CA LEU A 41 3.00 -22.63 2.10
C LEU A 41 2.95 -23.67 3.20
N LEU A 42 3.03 -23.25 4.46
CA LEU A 42 2.89 -24.22 5.56
C LEU A 42 1.57 -24.96 5.48
N ALA A 43 0.50 -24.25 5.16
CA ALA A 43 -0.81 -24.89 5.09
C ALA A 43 -0.87 -25.91 3.96
N ALA A 44 -0.10 -25.72 2.90
CA ALA A 44 -0.03 -26.66 1.78
C ALA A 44 1.02 -27.74 1.99
N GLY A 45 1.64 -27.80 3.16
CA GLY A 45 2.55 -28.87 3.49
C GLY A 45 4.01 -28.63 3.19
N TYR A 46 4.40 -27.40 2.87
CA TYR A 46 5.80 -27.15 2.63
C TYR A 46 6.53 -26.90 3.95
N GLU A 47 7.86 -27.07 3.91
CA GLU A 47 8.73 -26.59 4.97
C GLU A 47 9.18 -25.19 4.60
N VAL A 48 9.12 -24.27 5.54
CA VAL A 48 9.45 -22.88 5.28
C VAL A 48 10.43 -22.38 6.31
N THR A 49 11.52 -21.79 5.84
CA THR A 49 12.49 -21.06 6.65
C THR A 49 12.34 -19.58 6.35
N MET A 50 12.25 -18.76 7.41
CA MET A 50 12.09 -17.34 7.26
C MET A 50 13.10 -16.59 8.12
N PHE A 51 13.69 -15.55 7.56
CA PHE A 51 14.64 -14.67 8.23
C PHE A 51 13.92 -13.37 8.58
N SER A 52 13.97 -13.00 9.87
CA SER A 52 13.46 -11.73 10.35
C SER A 52 14.59 -10.92 10.97
N ASN A 53 14.63 -9.63 10.66
CA ASN A 53 15.61 -8.73 11.21
C ASN A 53 15.10 -7.99 12.45
N ARG A 54 13.92 -8.35 12.97
CA ARG A 54 13.37 -7.73 14.20
C ARG A 54 12.57 -8.76 14.98
N THR A 55 12.45 -8.53 16.28
CA THR A 55 11.55 -9.36 17.08
C THR A 55 10.12 -8.84 16.92
N GLY A 56 9.16 -9.72 17.20
CA GLY A 56 7.74 -9.36 17.09
C GLY A 56 7.37 -8.21 18.00
N GLU A 57 7.84 -8.23 19.26
CA GLU A 57 7.49 -7.17 20.19
C GLU A 57 8.10 -5.84 19.79
N ASP A 58 9.34 -5.83 19.25
CA ASP A 58 9.90 -4.54 18.85
C ASP A 58 9.12 -3.96 17.66
N ILE A 59 8.57 -4.81 16.81
CA ILE A 59 7.71 -4.32 15.73
C ILE A 59 6.40 -3.76 16.29
N ARG A 60 5.79 -4.48 17.24
CA ARG A 60 4.55 -4.00 17.82
C ARG A 60 4.72 -2.62 18.45
N ARG A 61 5.89 -2.34 19.05
CA ARG A 61 6.08 -1.11 19.82
C ARG A 61 6.92 -0.07 19.11
N GLY A 62 7.39 -0.36 17.90
CA GLY A 62 8.20 0.56 17.14
C GLY A 62 7.34 1.51 16.32
N LYS A 63 7.98 2.15 15.36
CA LYS A 63 7.28 3.16 14.59
C LYS A 63 6.33 2.49 13.61
N VAL A 64 5.27 3.20 13.26
CA VAL A 64 4.34 2.72 12.22
C VAL A 64 5.10 2.64 10.89
N MET A 65 4.62 1.78 10.00
CA MET A 65 5.28 1.49 8.73
C MET A 65 4.44 1.83 7.52
N SER A 66 3.15 2.06 7.69
CA SER A 66 2.22 2.14 6.57
C SER A 66 0.90 2.72 7.06
N SER A 67 0.01 3.03 6.12
CA SER A 67 -1.41 3.25 6.45
C SER A 67 -2.31 2.11 5.98
N GLN A 68 -1.71 1.12 5.27
CA GLN A 68 -2.25 -0.20 4.92
C GLN A 68 -3.76 -0.35 4.77
N CYS A 69 -4.37 0.52 3.99
CA CYS A 69 -5.78 0.39 3.62
C CYS A 69 -5.99 -0.72 2.57
N MET A 70 -6.59 -1.83 2.95
CA MET A 70 -6.74 -2.96 2.05
C MET A 70 -8.19 -3.07 1.59
N PHE A 71 -8.38 -3.15 0.29
CA PHE A 71 -9.72 -3.22 -0.31
C PHE A 71 -10.20 -4.67 -0.37
N ASP A 72 -11.47 -4.85 -0.77
CA ASP A 72 -12.13 -6.13 -0.53
C ASP A 72 -11.40 -7.32 -1.17
N THR A 73 -10.88 -7.17 -2.39
CA THR A 73 -10.23 -8.33 -3.04
C THR A 73 -9.01 -8.79 -2.25
N SER A 74 -8.16 -7.83 -1.80
CA SER A 74 -7.03 -8.15 -0.94
C SER A 74 -7.48 -8.76 0.39
N LEU A 75 -8.49 -8.15 1.02
CA LEU A 75 -8.98 -8.72 2.27
C LEU A 75 -9.44 -10.16 2.07
N GLN A 76 -10.09 -10.44 0.94
CA GLN A 76 -10.60 -11.79 0.70
C GLN A 76 -9.47 -12.82 0.55
N ILE A 77 -8.34 -12.42 -0.03
CA ILE A 77 -7.15 -13.30 -0.06
C ILE A 77 -6.77 -13.71 1.35
N GLU A 78 -6.83 -12.76 2.31
CA GLU A 78 -6.50 -13.08 3.68
C GLU A 78 -7.56 -13.98 4.31
N ARG A 79 -8.85 -13.65 4.09
CA ARG A 79 -9.94 -14.47 4.58
C ARG A 79 -9.77 -15.91 4.14
N ASP A 80 -9.42 -16.09 2.87
CA ASP A 80 -9.37 -17.43 2.28
C ASP A 80 -8.23 -18.26 2.88
N LEU A 81 -7.21 -17.61 3.44
CA LEU A 81 -6.11 -18.27 4.16
C LEU A 81 -6.38 -18.37 5.66
N GLY A 82 -7.53 -17.89 6.12
CA GLY A 82 -7.82 -17.94 7.54
C GLY A 82 -7.06 -16.94 8.38
N LEU A 83 -6.58 -15.84 7.76
CA LEU A 83 -5.69 -14.89 8.41
C LEU A 83 -6.34 -13.55 8.73
N ASP A 84 -7.66 -13.44 8.58
CA ASP A 84 -8.39 -12.22 8.90
C ASP A 84 -8.70 -12.15 10.40
N HIS A 85 -7.65 -12.09 11.19
CA HIS A 85 -7.83 -12.19 12.63
C HIS A 85 -8.41 -10.94 13.28
N TRP A 86 -8.43 -9.80 12.59
CA TRP A 86 -8.89 -8.55 13.18
C TRP A 86 -10.17 -8.06 12.54
N ALA A 87 -10.79 -8.89 11.71
CA ALA A 87 -11.91 -8.43 10.88
C ALA A 87 -13.05 -7.86 11.70
N SER A 88 -13.36 -8.49 12.84
CA SER A 88 -14.46 -8.03 13.70
C SER A 88 -14.11 -6.74 14.44
N ASP A 89 -12.87 -6.58 14.88
CA ASP A 89 -12.49 -5.41 15.67
C ASP A 89 -12.02 -4.23 14.83
N CYS A 90 -11.66 -4.42 13.58
CA CYS A 90 -11.16 -3.26 12.85
C CYS A 90 -12.33 -2.46 12.30
N PRO A 91 -12.32 -1.14 12.45
CA PRO A 91 -13.36 -0.32 11.80
C PRO A 91 -13.39 -0.53 10.29
N THR A 92 -14.59 -0.51 9.71
CA THR A 92 -14.67 -0.62 8.27
C THR A 92 -14.53 0.74 7.61
N VAL A 93 -13.93 0.74 6.41
CA VAL A 93 -13.85 1.91 5.53
C VAL A 93 -14.83 1.68 4.39
N ASP A 94 -15.86 2.50 4.29
CA ASP A 94 -17.02 2.13 3.48
C ASP A 94 -17.18 2.95 2.21
N GLY A 95 -16.27 3.87 1.94
CA GLY A 95 -16.38 4.65 0.71
C GLY A 95 -15.10 5.41 0.42
N ILE A 96 -15.16 6.19 -0.63
CA ILE A 96 -14.09 7.13 -1.00
C ILE A 96 -14.73 8.51 -1.17
N GLY A 97 -14.12 9.54 -0.60
CA GLY A 97 -14.55 10.90 -0.80
C GLY A 97 -13.41 11.69 -1.44
N LEU A 98 -13.78 12.68 -2.25
CA LEU A 98 -12.82 13.55 -2.91
C LEU A 98 -13.22 15.01 -2.78
N ALA A 99 -12.29 15.84 -2.30
CA ALA A 99 -12.50 17.27 -2.15
C ALA A 99 -11.32 18.06 -2.70
N VAL A 100 -11.65 19.17 -3.37
CA VAL A 100 -10.71 20.15 -3.87
C VAL A 100 -11.05 21.56 -3.38
N PRO A 101 -10.10 22.30 -2.81
CA PRO A 101 -10.40 23.65 -2.31
C PRO A 101 -10.86 24.56 -3.43
N HIS A 102 -11.73 25.49 -3.08
CA HIS A 102 -12.22 26.44 -4.06
C HIS A 102 -11.17 27.53 -4.25
N PRO A 103 -10.69 27.75 -5.47
CA PRO A 103 -9.64 28.76 -5.67
C PRO A 103 -10.04 30.15 -5.22
N GLU A 104 -11.33 30.50 -5.33
CA GLU A 104 -11.79 31.83 -4.94
C GLU A 104 -12.37 31.83 -3.53
N GLN A 105 -13.52 31.18 -3.34
CA GLN A 105 -14.21 31.20 -2.05
C GLN A 105 -13.33 30.68 -0.92
N LYS A 106 -13.17 31.50 0.12
CA LYS A 106 -12.28 31.16 1.23
C LYS A 106 -12.85 30.00 2.05
N GLY A 107 -12.01 29.00 2.32
CA GLY A 107 -12.37 27.91 3.21
C GLY A 107 -13.43 26.97 2.68
N ALA A 108 -13.72 27.06 1.40
CA ALA A 108 -14.73 26.25 0.73
C ALA A 108 -14.07 25.29 -0.25
N LYS A 109 -14.88 24.35 -0.77
CA LYS A 109 -14.46 23.40 -1.79
C LYS A 109 -15.21 23.62 -3.08
N VAL A 110 -14.51 23.47 -4.20
CA VAL A 110 -15.14 23.52 -5.50
C VAL A 110 -15.56 22.14 -6.00
N ILE A 111 -14.92 21.08 -5.50
CA ILE A 111 -15.33 19.70 -5.73
C ILE A 111 -15.45 19.05 -4.37
N ASP A 112 -16.54 18.32 -4.13
CA ASP A 112 -16.74 17.68 -2.84
C ASP A 112 -17.80 16.60 -3.05
N TRP A 113 -17.36 15.35 -3.21
CA TRP A 113 -18.27 14.24 -3.43
C TRP A 113 -17.73 13.00 -2.75
N ALA A 114 -18.59 11.98 -2.72
CA ALA A 114 -18.23 10.71 -2.14
C ALA A 114 -19.01 9.61 -2.86
N ALA A 115 -18.56 8.38 -2.69
CA ALA A 115 -19.23 7.21 -3.27
C ALA A 115 -18.91 6.02 -2.39
N ARG A 116 -19.87 5.09 -2.27
CA ARG A 116 -19.68 3.94 -1.43
C ARG A 116 -18.87 2.86 -2.16
N LEU A 117 -18.02 2.19 -1.42
CA LEU A 117 -17.38 0.95 -1.91
C LEU A 117 -18.42 -0.16 -1.92
N ASN A 118 -18.37 -1.02 -2.96
CA ASN A 118 -19.30 -2.15 -3.01
C ASN A 118 -19.08 -3.12 -1.86
N ALA A 119 -17.86 -3.18 -1.33
CA ALA A 119 -17.57 -3.96 -0.14
C ALA A 119 -16.50 -3.22 0.66
N SER A 120 -16.50 -3.41 1.97
CA SER A 120 -15.66 -2.60 2.87
C SER A 120 -14.17 -2.82 2.64
N ALA A 121 -13.40 -1.76 2.89
CA ALA A 121 -11.95 -1.85 3.07
C ALA A 121 -11.62 -1.83 4.57
N GLN A 122 -10.41 -2.28 4.94
CA GLN A 122 -9.95 -2.27 6.32
C GLN A 122 -8.46 -2.00 6.40
N SER A 123 -8.05 -1.29 7.45
CA SER A 123 -6.65 -0.92 7.69
C SER A 123 -6.24 -1.47 9.05
N VAL A 124 -5.59 -2.63 9.07
CA VAL A 124 -5.09 -3.25 10.30
C VAL A 124 -3.59 -2.93 10.37
N ASP A 125 -3.20 -2.14 11.38
CA ASP A 125 -1.80 -1.73 11.54
C ASP A 125 -0.87 -2.93 11.40
N GLN A 126 0.16 -2.77 10.56
CA GLN A 126 1.17 -3.82 10.44
C GLN A 126 1.90 -4.09 11.77
N ARG A 127 1.96 -3.11 12.68
CA ARG A 127 2.51 -3.36 14.03
C ARG A 127 1.73 -4.44 14.76
N LEU A 128 0.43 -4.58 14.45
CA LEU A 128 -0.37 -5.68 15.01
C LEU A 128 -0.22 -6.94 14.15
N LYS A 129 -0.36 -6.79 12.84
CA LYS A 129 -0.54 -7.95 11.96
C LYS A 129 0.74 -8.76 11.82
N ILE A 130 1.85 -8.09 11.48
CA ILE A 130 3.10 -8.82 11.19
C ILE A 130 3.56 -9.63 12.41
N PRO A 131 3.61 -9.07 13.62
CA PRO A 131 4.03 -9.91 14.77
C PRO A 131 3.08 -11.06 15.09
N ALA A 132 1.76 -10.86 14.97
CA ALA A 132 0.83 -11.97 15.19
C ALA A 132 1.01 -13.05 14.12
N TRP A 133 1.28 -12.65 12.87
CA TRP A 133 1.51 -13.67 11.85
C TRP A 133 2.87 -14.36 12.06
N MET A 134 3.88 -13.66 12.60
CA MET A 134 5.11 -14.33 12.98
C MET A 134 4.85 -15.40 14.03
N ASP A 135 4.03 -15.08 15.05
CA ASP A 135 3.64 -16.07 16.04
C ASP A 135 2.95 -17.26 15.37
N GLU A 136 2.00 -16.99 14.47
CA GLU A 136 1.28 -18.09 13.85
C GLU A 136 2.22 -18.94 13.01
N PHE A 137 3.12 -18.30 12.28
CA PHE A 137 4.13 -18.99 11.47
C PHE A 137 4.90 -20.03 12.30
N GLN A 138 5.36 -19.63 13.49
CA GLN A 138 6.04 -20.58 14.36
C GLN A 138 5.12 -21.68 14.84
N LYS A 139 3.90 -21.33 15.25
CA LYS A 139 2.98 -22.34 15.75
C LYS A 139 2.62 -23.36 14.69
N LYS A 140 2.59 -22.95 13.41
CA LYS A 140 2.28 -23.84 12.31
C LYS A 140 3.51 -24.60 11.79
N GLY A 141 4.65 -24.47 12.44
CA GLY A 141 5.82 -25.27 12.10
C GLY A 141 6.85 -24.59 11.25
N GLY A 142 6.70 -23.30 10.95
CA GLY A 142 7.75 -22.59 10.26
C GLY A 142 9.00 -22.45 11.12
N GLU A 143 10.15 -22.34 10.44
CA GLU A 143 11.44 -22.13 11.10
C GLU A 143 11.80 -20.66 11.00
N LEU A 144 11.63 -19.94 12.09
CA LEU A 144 11.97 -18.54 12.14
C LEU A 144 13.43 -18.39 12.56
N VAL A 145 14.21 -17.64 11.78
CA VAL A 145 15.62 -17.41 12.07
C VAL A 145 15.85 -15.91 12.21
N PHE A 146 16.40 -15.49 13.35
CA PHE A 146 16.56 -14.06 13.61
C PHE A 146 17.97 -13.61 13.26
N LYS A 147 18.07 -12.79 12.21
CA LYS A 147 19.32 -12.25 11.69
C LYS A 147 19.01 -11.25 10.61
N ASP A 148 19.81 -10.19 10.57
CA ASP A 148 19.80 -9.25 9.46
C ASP A 148 20.51 -9.93 8.30
N ALA A 149 19.74 -10.48 7.36
CA ALA A 149 20.28 -11.37 6.35
C ALA A 149 21.04 -10.59 5.28
N GLY A 150 22.09 -11.21 4.76
CA GLY A 150 22.82 -10.66 3.64
C GLY A 150 23.11 -11.72 2.60
N ILE A 151 24.07 -11.43 1.70
CA ILE A 151 24.39 -12.37 0.63
C ILE A 151 24.77 -13.73 1.20
N ASP A 152 25.49 -13.75 2.31
CA ASP A 152 25.92 -15.03 2.86
C ASP A 152 24.73 -15.91 3.21
N GLU A 153 23.66 -15.31 3.75
CA GLU A 153 22.48 -16.09 4.11
C GLU A 153 21.76 -16.58 2.85
N LEU A 154 21.80 -15.77 1.80
CA LEU A 154 21.15 -16.15 0.55
C LEU A 154 21.92 -17.28 -0.12
N GLU A 155 23.25 -17.22 -0.08
CA GLU A 155 24.05 -18.34 -0.57
C GLU A 155 23.77 -19.61 0.20
N ALA A 156 23.66 -19.53 1.53
CA ALA A 156 23.32 -20.70 2.34
C ALA A 156 21.93 -21.24 2.01
N CYS A 157 20.95 -20.34 1.91
CA CYS A 157 19.58 -20.76 1.68
C CYS A 157 19.46 -21.46 0.32
N THR A 158 20.09 -20.89 -0.71
CA THR A 158 19.94 -21.49 -2.03
C THR A 158 20.59 -22.87 -2.11
N GLN A 159 21.53 -23.19 -1.21
CA GLN A 159 22.07 -24.55 -1.19
C GLN A 159 21.19 -25.54 -0.43
N SER A 160 20.43 -25.09 0.57
CA SER A 160 19.62 -26.00 1.36
C SER A 160 18.12 -25.95 1.06
N HIS A 161 17.66 -25.14 0.11
CA HIS A 161 16.24 -25.06 -0.19
C HIS A 161 16.00 -25.13 -1.68
N ASP A 162 14.78 -25.56 -2.03
CA ASP A 162 14.37 -25.66 -3.44
C ASP A 162 14.08 -24.31 -4.07
N LEU A 163 13.72 -23.29 -3.27
CA LEU A 163 13.46 -21.95 -3.76
C LEU A 163 13.72 -20.98 -2.61
N THR A 164 14.36 -19.85 -2.91
CA THR A 164 14.64 -18.77 -1.97
C THR A 164 14.05 -17.49 -2.53
N LEU A 165 13.14 -16.85 -1.75
CA LEU A 165 12.56 -15.56 -2.09
C LEU A 165 13.10 -14.47 -1.17
N VAL A 166 13.23 -13.28 -1.74
CA VAL A 166 13.57 -12.07 -1.01
C VAL A 166 12.33 -11.20 -0.95
N ALA A 167 11.82 -11.02 0.28
CA ALA A 167 10.61 -10.27 0.57
C ALA A 167 10.94 -9.16 1.56
N SER A 168 11.96 -8.36 1.27
CA SER A 168 12.58 -7.45 2.21
C SER A 168 12.04 -6.02 2.11
N GLY A 169 11.00 -5.79 1.33
CA GLY A 169 10.44 -4.44 1.22
C GLY A 169 11.45 -3.41 0.74
N LYS A 170 11.61 -2.34 1.53
CA LYS A 170 12.51 -1.24 1.20
C LYS A 170 13.86 -1.40 1.88
N GLY A 171 14.10 -2.58 2.47
CA GLY A 171 15.42 -2.89 3.01
C GLY A 171 16.52 -2.81 1.97
N GLU A 172 17.76 -2.60 2.47
CA GLU A 172 18.88 -2.38 1.56
C GLU A 172 19.13 -3.58 0.67
N ILE A 173 18.92 -4.80 1.19
CA ILE A 173 19.18 -6.00 0.40
C ILE A 173 18.29 -6.07 -0.83
N SER A 174 17.14 -5.39 -0.83
CA SER A 174 16.31 -5.34 -2.03
C SER A 174 17.08 -4.79 -3.24
N LYS A 175 18.10 -3.99 -3.02
CA LYS A 175 18.84 -3.44 -4.16
C LYS A 175 19.75 -4.46 -4.82
N LEU A 176 19.83 -5.68 -4.27
CA LEU A 176 20.46 -6.77 -5.00
C LEU A 176 19.84 -6.96 -6.38
N PHE A 177 18.54 -6.71 -6.51
CA PHE A 177 17.84 -6.89 -7.78
C PHE A 177 18.04 -5.68 -8.67
N GLU A 178 18.14 -5.93 -9.97
CA GLU A 178 18.49 -4.87 -10.91
C GLU A 178 17.30 -3.99 -11.23
N ARG A 179 17.47 -2.67 -11.08
CA ARG A 179 16.41 -1.75 -11.45
C ARG A 179 16.04 -1.89 -12.91
N ASP A 180 14.74 -1.92 -13.18
CA ASP A 180 14.19 -2.08 -14.52
C ASP A 180 13.87 -0.67 -15.02
N ALA A 181 14.81 -0.09 -15.79
CA ALA A 181 14.65 1.33 -16.13
C ALA A 181 13.41 1.55 -16.98
N HIS A 182 13.09 0.58 -17.86
CA HIS A 182 12.01 0.80 -18.78
C HIS A 182 10.64 0.76 -18.09
N LYS A 183 10.53 0.05 -16.95
CA LYS A 183 9.30 0.02 -16.18
C LYS A 183 9.30 1.04 -15.04
N SER A 184 10.33 1.87 -14.93
CA SER A 184 10.48 2.86 -13.86
C SER A 184 10.66 4.23 -14.50
N PRO A 185 9.58 5.00 -14.70
CA PRO A 185 9.71 6.33 -15.29
C PRO A 185 10.33 7.37 -14.37
N TYR A 186 10.39 7.10 -13.07
CA TYR A 186 10.92 8.03 -12.09
C TYR A 186 12.20 7.46 -11.49
N ASP A 187 13.18 8.34 -11.23
CA ASP A 187 14.37 7.96 -10.47
C ASP A 187 14.56 8.82 -9.23
N LYS A 188 13.60 9.70 -8.94
CA LYS A 188 13.56 10.52 -7.75
C LYS A 188 12.18 10.43 -7.11
N PRO A 189 12.12 10.57 -5.78
CA PRO A 189 10.83 10.71 -5.09
C PRO A 189 9.97 11.80 -5.72
N GLN A 190 8.68 11.49 -5.85
CA GLN A 190 7.71 12.40 -6.39
C GLN A 190 6.84 13.04 -5.32
N ARG A 191 6.95 12.59 -4.07
CA ARG A 191 6.21 13.16 -2.95
C ARG A 191 7.02 13.00 -1.67
N ALA A 192 6.87 13.99 -0.79
CA ALA A 192 7.33 13.90 0.58
C ALA A 192 6.20 13.41 1.48
N LEU A 193 6.45 12.35 2.23
CA LEU A 193 5.44 11.58 2.93
C LEU A 193 5.50 11.81 4.43
N ALA A 194 4.34 11.69 5.09
CA ALA A 194 4.25 11.56 6.54
C ALA A 194 2.97 10.83 6.93
N LEU A 195 3.00 10.16 8.10
CA LEU A 195 1.84 9.54 8.71
C LEU A 195 1.67 10.03 10.13
N THR A 196 0.41 10.23 10.53
CA THR A 196 0.10 10.50 11.93
C THR A 196 -1.14 9.71 12.35
N TYR A 197 -0.97 8.82 13.29
CA TYR A 197 -2.05 8.00 13.83
C TYR A 197 -2.66 8.73 15.01
N VAL A 198 -3.99 8.98 14.98
CA VAL A 198 -4.60 9.78 16.05
C VAL A 198 -5.86 9.16 16.61
N LYS A 199 -6.10 9.48 17.88
CA LYS A 199 -7.35 9.26 18.58
C LYS A 199 -8.11 10.58 18.68
N GLY A 200 -9.43 10.47 18.80
CA GLY A 200 -10.27 11.62 19.05
C GLY A 200 -10.82 12.34 17.85
N MET A 201 -10.59 11.84 16.63
CA MET A 201 -11.12 12.50 15.46
C MET A 201 -12.61 12.26 15.38
N ALA A 202 -13.36 13.28 14.97
CA ALA A 202 -14.79 13.13 14.83
C ALA A 202 -15.06 12.09 13.74
N PRO A 203 -15.81 11.03 14.01
CA PRO A 203 -16.13 10.07 12.95
C PRO A 203 -16.83 10.73 11.78
N ARG A 204 -16.54 10.21 10.59
CA ARG A 204 -17.24 10.67 9.41
C ARG A 204 -18.67 10.13 9.38
N GLU A 205 -19.60 11.00 9.03
CA GLU A 205 -20.99 10.56 8.87
C GLU A 205 -21.46 10.89 7.46
N PRO A 206 -22.38 10.09 6.89
CA PRO A 206 -23.07 8.98 7.54
C PRO A 206 -22.40 7.62 7.36
N PHE A 207 -21.32 7.59 6.60
CA PHE A 207 -20.49 6.41 6.44
C PHE A 207 -19.01 6.82 6.45
N SER A 208 -18.16 5.87 6.79
CA SER A 208 -16.72 6.14 6.76
C SER A 208 -16.19 6.11 5.32
N ALA A 209 -15.04 6.76 5.13
CA ALA A 209 -14.45 6.84 3.81
C ALA A 209 -12.97 7.17 3.90
N VAL A 210 -12.24 6.85 2.82
CA VAL A 210 -10.95 7.48 2.55
C VAL A 210 -11.29 8.88 2.08
N CYS A 211 -11.08 9.88 2.92
CA CYS A 211 -11.35 11.28 2.57
C CYS A 211 -10.12 11.86 1.89
N MET A 212 -10.20 12.05 0.57
CA MET A 212 -9.07 12.48 -0.23
C MET A 212 -9.19 13.98 -0.51
N ASN A 213 -8.19 14.73 -0.08
CA ASN A 213 -8.14 16.17 -0.30
C ASN A 213 -6.96 16.46 -1.23
N LEU A 214 -7.27 16.92 -2.42
CA LEU A 214 -6.29 17.21 -3.45
C LEU A 214 -6.07 18.72 -3.50
N ILE A 215 -4.89 19.16 -3.10
CA ILE A 215 -4.49 20.56 -3.04
C ILE A 215 -3.71 20.87 -4.31
N PRO A 216 -4.29 21.58 -5.27
CA PRO A 216 -3.64 21.68 -6.59
C PRO A 216 -2.26 22.32 -6.49
N GLY A 217 -1.29 21.63 -7.05
CA GLY A 217 0.08 22.11 -7.05
C GLY A 217 0.81 21.97 -5.74
N VAL A 218 0.21 21.37 -4.72
CA VAL A 218 0.81 21.32 -3.38
C VAL A 218 0.96 19.90 -2.87
N GLY A 219 -0.12 19.12 -2.90
CA GLY A 219 -0.05 17.80 -2.32
C GLY A 219 -1.45 17.26 -2.05
N GLU A 220 -1.48 16.28 -1.14
CA GLU A 220 -2.69 15.51 -0.82
C GLU A 220 -2.72 15.18 0.65
N TYR A 221 -3.92 15.23 1.25
CA TYR A 221 -4.19 14.74 2.60
C TYR A 221 -5.28 13.68 2.50
N PHE A 222 -4.97 12.46 2.94
CA PHE A 222 -5.93 11.36 3.03
C PHE A 222 -6.15 10.98 4.49
N VAL A 223 -7.38 10.68 4.90
CA VAL A 223 -7.63 10.22 6.26
C VAL A 223 -8.78 9.20 6.28
N PHE A 224 -8.64 8.17 7.13
CA PHE A 224 -9.60 7.07 7.24
C PHE A 224 -9.39 6.35 8.57
N PRO A 225 -10.42 5.65 9.05
CA PRO A 225 -10.29 4.91 10.30
C PRO A 225 -9.52 3.61 10.13
N ALA A 226 -8.92 3.19 11.24
CA ALA A 226 -8.03 2.00 11.24
C ALA A 226 -7.98 1.41 12.63
N LEU A 227 -7.26 0.29 12.76
CA LEU A 227 -7.06 -0.38 14.02
C LEU A 227 -5.58 -0.39 14.32
N THR A 228 -5.20 0.09 15.51
CA THR A 228 -3.79 0.03 15.93
C THR A 228 -3.64 -0.60 17.32
N THR A 229 -2.42 -0.49 17.90
CA THR A 229 -2.11 -1.25 19.10
C THR A 229 -2.85 -0.74 20.34
N THR A 230 -3.39 0.49 20.29
CA THR A 230 -4.22 1.01 21.38
C THR A 230 -5.70 1.08 20.97
N GLY A 231 -6.10 0.35 19.93
CA GLY A 231 -7.49 0.29 19.54
C GLY A 231 -7.76 1.07 18.27
N PRO A 232 -9.05 1.37 18.04
CA PRO A 232 -9.44 2.12 16.83
C PRO A 232 -8.88 3.53 16.81
N CYS A 233 -8.52 3.96 15.62
CA CYS A 233 -7.95 5.30 15.41
C CYS A 233 -8.34 5.76 14.02
N GLU A 234 -7.84 6.93 13.64
CA GLU A 234 -7.76 7.35 12.26
C GLU A 234 -6.30 7.60 11.90
N ILE A 235 -5.99 7.42 10.61
CA ILE A 235 -4.65 7.62 10.09
C ILE A 235 -4.69 8.79 9.12
N MET A 236 -3.91 9.82 9.43
CA MET A 236 -3.72 10.95 8.55
C MET A 236 -2.52 10.66 7.66
N VAL A 237 -2.68 10.91 6.36
CA VAL A 237 -1.66 10.63 5.37
C VAL A 237 -1.40 11.91 4.61
N PHE A 238 -0.13 12.35 4.60
CA PHE A 238 0.27 13.60 3.98
C PHE A 238 1.27 13.31 2.86
N GLU A 239 1.02 13.85 1.68
CA GLU A 239 1.92 13.72 0.55
C GLU A 239 2.14 15.09 -0.04
N GLY A 240 3.40 15.52 -0.10
CA GLY A 240 3.74 16.86 -0.55
C GLY A 240 4.60 16.89 -1.81
N VAL A 241 4.20 17.72 -2.78
CA VAL A 241 5.08 17.94 -3.94
C VAL A 241 6.41 18.44 -3.43
N PRO A 242 7.53 17.84 -3.80
CA PRO A 242 8.81 18.19 -3.15
C PRO A 242 9.11 19.67 -3.31
N GLY A 243 9.55 20.27 -2.21
CA GLY A 243 9.86 21.69 -2.19
C GLY A 243 8.69 22.62 -2.02
N GLY A 244 7.47 22.09 -1.97
CA GLY A 244 6.30 22.92 -1.80
C GLY A 244 5.90 23.07 -0.35
N PRO A 245 4.75 23.72 -0.13
CA PRO A 245 4.32 23.99 1.26
C PRO A 245 4.11 22.75 2.13
N MET A 246 3.76 21.57 1.54
CA MET A 246 3.59 20.32 2.29
C MET A 246 4.81 19.42 2.28
N ASP A 247 5.95 19.90 1.75
CA ASP A 247 7.25 19.25 1.97
C ASP A 247 7.85 19.87 3.22
N CYS A 248 7.33 19.43 4.38
CA CYS A 248 7.41 20.27 5.57
C CYS A 248 7.65 19.47 6.83
N TRP A 249 8.43 18.40 6.75
CA TRP A 249 8.72 17.56 7.90
C TRP A 249 10.19 17.61 8.33
N ALA A 250 11.04 18.37 7.64
CA ALA A 250 12.46 18.33 7.93
C ALA A 250 12.76 18.86 9.33
N ASP A 251 12.09 19.93 9.73
CA ASP A 251 12.35 20.56 11.02
C ASP A 251 11.52 19.97 12.15
N VAL A 252 10.82 18.86 11.93
CA VAL A 252 10.01 18.23 12.97
C VAL A 252 10.88 17.18 13.65
N LYS A 253 11.04 17.29 14.97
CA LYS A 253 11.97 16.43 15.68
C LYS A 253 11.39 15.80 16.94
N THR A 254 10.14 16.07 17.29
CA THR A 254 9.48 15.43 18.41
C THR A 254 8.08 15.02 17.99
N PRO A 255 7.47 14.06 18.69
CA PRO A 255 6.06 13.72 18.41
C PRO A 255 5.16 14.93 18.48
N GLU A 256 5.31 15.72 19.55
CA GLU A 256 4.50 16.91 19.74
C GLU A 256 4.62 17.84 18.56
N GLU A 257 5.84 18.07 18.07
CA GLU A 257 6.02 18.88 16.88
C GLU A 257 5.35 18.25 15.67
N HIS A 258 5.31 16.91 15.62
CA HIS A 258 4.71 16.20 14.49
C HIS A 258 3.19 16.40 14.47
N LEU A 259 2.53 16.11 15.59
CA LEU A 259 1.10 16.41 15.73
C LEU A 259 0.78 17.86 15.35
N ALA A 260 1.57 18.81 15.88
CA ALA A 260 1.31 20.21 15.59
C ALA A 260 1.47 20.53 14.11
N ARG A 261 2.50 19.97 13.45
CA ARG A 261 2.64 20.22 12.03
C ARG A 261 1.48 19.59 11.26
N SER A 262 0.99 18.44 11.73
CA SER A 262 -0.18 17.82 11.10
C SER A 262 -1.40 18.73 11.14
N LYS A 263 -1.75 19.24 12.33
CA LYS A 263 -2.85 20.17 12.45
C LYS A 263 -2.60 21.43 11.63
N TRP A 264 -1.35 21.91 11.59
CA TRP A 264 -1.06 23.08 10.79
C TRP A 264 -1.46 22.86 9.34
N ILE A 265 -1.19 21.67 8.79
CA ILE A 265 -1.55 21.43 7.39
C ILE A 265 -3.07 21.53 7.21
N LEU A 266 -3.83 20.91 8.12
CA LEU A 266 -5.28 20.93 7.94
C LEU A 266 -5.83 22.35 8.07
N ASP A 267 -5.36 23.10 9.07
CA ASP A 267 -5.77 24.50 9.23
C ASP A 267 -5.49 25.31 7.97
N THR A 268 -4.32 25.11 7.37
CA THR A 268 -3.89 25.92 6.24
C THR A 268 -4.57 25.55 4.93
N PHE A 269 -4.79 24.26 4.67
CA PHE A 269 -5.26 23.84 3.36
C PHE A 269 -6.61 23.14 3.36
N THR A 270 -7.07 22.57 4.48
CA THR A 270 -8.32 21.81 4.51
C THR A 270 -9.06 22.10 5.81
N PRO A 271 -9.52 23.34 5.99
CA PRO A 271 -10.18 23.70 7.26
C PRO A 271 -11.42 22.89 7.54
N TRP A 272 -12.11 22.42 6.49
CA TRP A 272 -13.23 21.49 6.70
C TRP A 272 -12.80 20.23 7.43
N GLU A 273 -11.60 19.73 7.17
CA GLU A 273 -11.14 18.57 7.94
C GLU A 273 -10.68 18.98 9.34
N ALA A 274 -10.20 20.22 9.50
CA ALA A 274 -9.73 20.64 10.83
C ALA A 274 -10.86 20.65 11.85
N GLU A 275 -12.10 20.90 11.40
CA GLU A 275 -13.25 20.86 12.28
C GLU A 275 -13.44 19.49 12.93
N ARG A 276 -12.94 18.42 12.31
CA ARG A 276 -13.02 17.10 12.92
C ARG A 276 -11.93 16.83 13.93
N CYS A 277 -10.90 17.70 13.99
CA CYS A 277 -9.66 17.40 14.69
C CYS A 277 -9.41 18.33 15.87
N LYS A 278 -10.46 18.91 16.46
CA LYS A 278 -10.24 19.83 17.58
C LYS A 278 -9.63 19.13 18.78
N ASP A 279 -9.86 17.83 18.94
CA ASP A 279 -9.37 17.13 20.13
C ASP A 279 -8.51 15.91 19.80
N ILE A 280 -7.77 15.94 18.73
CA ILE A 280 -7.01 14.76 18.37
C ILE A 280 -5.74 14.69 19.20
N GLU A 281 -5.36 13.46 19.54
CA GLU A 281 -4.09 13.15 20.18
CA GLU A 281 -4.08 13.17 20.18
C GLU A 281 -3.40 12.05 19.39
N LEU A 282 -2.07 11.92 19.54
CA LEU A 282 -1.40 10.75 18.99
C LEU A 282 -1.92 9.50 19.67
N THR A 283 -2.04 8.41 18.90
CA THR A 283 -2.33 7.11 19.51
C THR A 283 -1.20 6.70 20.44
N ASP A 284 0.02 7.05 20.06
CA ASP A 284 1.26 6.75 20.79
C ASP A 284 2.38 7.54 20.13
N ASP A 285 3.51 7.72 20.87
CA ASP A 285 4.57 8.56 20.34
C ASP A 285 5.22 7.99 19.09
N ASN A 286 5.08 6.69 18.85
CA ASN A 286 5.60 6.05 17.64
C ASN A 286 4.56 5.92 16.53
N GLY A 287 3.40 6.56 16.68
CA GLY A 287 2.38 6.57 15.64
C GLY A 287 2.62 7.65 14.61
N ILE A 288 3.88 7.89 14.26
CA ILE A 288 4.26 8.93 13.33
C ILE A 288 5.35 8.41 12.39
N LEU A 289 5.45 9.04 11.23
CA LEU A 289 6.41 8.62 10.22
C LEU A 289 6.62 9.76 9.25
N ALA A 290 7.85 9.89 8.75
CA ALA A 290 8.11 10.82 7.65
C ALA A 290 9.23 10.26 6.80
N GLY A 291 9.16 10.51 5.50
CA GLY A 291 10.06 9.86 4.58
C GLY A 291 9.66 10.09 3.14
N ARG A 292 10.45 9.48 2.24
CA ARG A 292 10.19 9.57 0.81
C ARG A 292 10.97 8.50 0.08
N PHE A 293 10.49 8.14 -1.11
CA PHE A 293 11.25 7.21 -1.94
C PHE A 293 10.81 7.31 -3.39
N ALA A 294 11.68 6.86 -4.27
CA ALA A 294 11.35 6.86 -5.68
C ALA A 294 10.58 5.61 -6.05
N PRO A 295 9.49 5.72 -6.81
CA PRO A 295 8.86 4.52 -7.36
C PRO A 295 9.87 3.73 -8.20
N THR A 296 9.93 2.43 -7.97
CA THR A 296 10.94 1.60 -8.62
C THR A 296 10.39 0.22 -8.94
N VAL A 297 10.66 -0.25 -10.15
CA VAL A 297 10.39 -1.62 -10.57
C VAL A 297 11.73 -2.29 -10.83
N ARG A 298 11.85 -3.55 -10.40
CA ARG A 298 13.10 -4.27 -10.54
C ARG A 298 12.90 -5.59 -11.28
N LYS A 299 14.01 -6.12 -11.82
CA LYS A 299 13.97 -7.41 -12.45
C LYS A 299 13.85 -8.49 -11.37
N PRO A 300 12.99 -9.50 -11.57
CA PRO A 300 12.66 -10.40 -10.46
C PRO A 300 13.71 -11.44 -10.12
N VAL A 301 14.66 -11.74 -11.01
CA VAL A 301 15.61 -12.80 -10.78
C VAL A 301 16.97 -12.16 -10.49
N ALA A 302 17.53 -12.42 -9.30
CA ALA A 302 18.88 -11.98 -8.96
C ALA A 302 19.81 -13.17 -8.92
N THR A 303 21.04 -13.00 -9.42
CA THR A 303 22.02 -14.08 -9.42
C THR A 303 23.11 -13.79 -8.40
N LEU A 304 23.37 -14.74 -7.52
CA LEU A 304 24.32 -14.57 -6.43
C LEU A 304 25.73 -14.77 -6.96
N PRO A 305 26.75 -14.47 -6.14
CA PRO A 305 28.12 -14.75 -6.60
C PRO A 305 28.34 -16.20 -7.00
N SER A 306 27.73 -17.15 -6.31
CA SER A 306 27.91 -18.56 -6.63
C SER A 306 27.29 -18.96 -7.97
N GLY A 307 26.48 -18.07 -8.57
CA GLY A 307 25.65 -18.41 -9.71
C GLY A 307 24.24 -18.87 -9.35
N ARG A 308 23.96 -19.13 -8.08
CA ARG A 308 22.61 -19.52 -7.69
C ARG A 308 21.69 -18.29 -7.75
N LYS A 309 20.38 -18.55 -7.74
CA LYS A 309 19.41 -17.53 -8.09
C LYS A 309 18.34 -17.40 -6.99
N VAL A 310 17.80 -16.17 -6.86
CA VAL A 310 16.75 -15.86 -5.91
C VAL A 310 15.68 -15.02 -6.61
N LEU A 311 14.46 -15.10 -6.09
CA LEU A 311 13.27 -14.48 -6.68
C LEU A 311 12.76 -13.39 -5.74
N GLY A 312 12.54 -12.19 -6.26
CA GLY A 312 12.03 -11.10 -5.44
C GLY A 312 10.51 -11.07 -5.42
N LEU A 313 9.96 -10.55 -4.31
CA LEU A 313 8.53 -10.59 -4.01
C LEU A 313 8.05 -9.20 -3.63
N ALA A 314 6.92 -8.78 -4.20
CA ALA A 314 6.17 -7.58 -3.76
C ALA A 314 7.04 -6.34 -3.85
N ASP A 315 7.18 -5.56 -2.77
CA ASP A 315 7.85 -4.27 -2.89
C ASP A 315 9.31 -4.39 -3.37
N VAL A 316 9.95 -5.55 -3.24
CA VAL A 316 11.29 -5.73 -3.79
C VAL A 316 11.31 -5.50 -5.31
N VAL A 317 10.25 -5.93 -6.01
CA VAL A 317 10.22 -5.83 -7.48
C VAL A 317 9.23 -4.80 -8.01
N VAL A 318 8.19 -4.42 -7.26
CA VAL A 318 7.29 -3.36 -7.70
C VAL A 318 6.99 -2.47 -6.50
N LEU A 319 7.60 -1.30 -6.46
CA LEU A 319 7.48 -0.36 -5.35
C LEU A 319 6.84 0.91 -5.85
N ASN A 320 5.68 1.26 -5.32
CA ASN A 320 4.96 2.42 -5.77
C ASN A 320 4.84 3.45 -4.65
N ASP A 321 4.75 4.73 -5.02
CA ASP A 321 4.39 5.76 -4.05
C ASP A 321 3.03 5.43 -3.43
N PRO A 322 2.83 5.75 -2.14
CA PRO A 322 1.55 5.37 -1.49
C PRO A 322 0.33 6.20 -1.85
N ILE A 323 0.43 7.10 -2.84
CA ILE A 323 -0.65 8.04 -3.10
C ILE A 323 -1.97 7.35 -3.52
N THR A 324 -1.90 6.14 -4.05
CA THR A 324 -3.10 5.42 -4.45
C THR A 324 -3.50 4.34 -3.47
N GLY A 325 -2.76 4.18 -2.37
CA GLY A 325 -3.04 3.18 -1.35
C GLY A 325 -2.98 1.76 -1.83
N GLN A 326 -1.98 1.42 -2.63
CA GLN A 326 -1.96 0.11 -3.28
C GLN A 326 -0.84 -0.82 -2.84
N GLY A 327 0.11 -0.38 -2.03
CA GLY A 327 1.25 -1.25 -1.74
C GLY A 327 0.87 -2.52 -1.00
N SER A 328 0.07 -2.38 0.07
CA SER A 328 -0.36 -3.56 0.82
C SER A 328 -1.32 -4.41 -0.02
N ASN A 329 -2.15 -3.78 -0.84
CA ASN A 329 -3.01 -4.54 -1.75
C ASN A 329 -2.16 -5.33 -2.73
N ASN A 330 -1.16 -4.68 -3.33
CA ASN A 330 -0.22 -5.33 -4.25
C ASN A 330 0.51 -6.47 -3.57
N ALA A 331 0.91 -6.29 -2.30
CA ALA A 331 1.62 -7.34 -1.59
C ALA A 331 0.77 -8.58 -1.39
N ALA A 332 -0.49 -8.40 -1.01
CA ALA A 332 -1.38 -9.54 -0.86
C ALA A 332 -1.61 -10.25 -2.19
N LYS A 333 -1.83 -9.48 -3.25
CA LYS A 333 -2.15 -10.05 -4.54
C LYS A 333 -0.90 -10.70 -5.16
N CYS A 334 0.26 -10.10 -4.93
CA CYS A 334 1.52 -10.68 -5.40
C CYS A 334 1.80 -12.01 -4.69
N ALA A 335 1.65 -12.04 -3.36
CA ALA A 335 1.90 -13.29 -2.63
C ALA A 335 0.91 -14.37 -3.02
N ASP A 336 -0.33 -13.98 -3.35
CA ASP A 336 -1.32 -14.96 -3.82
C ASP A 336 -0.91 -15.56 -5.15
N THR A 337 -0.54 -14.71 -6.09
CA THR A 337 -0.07 -15.18 -7.39
C THR A 337 1.16 -16.07 -7.27
N TYR A 338 2.13 -15.71 -6.42
CA TYR A 338 3.33 -16.55 -6.24
C TYR A 338 2.99 -17.87 -5.54
N LEU A 339 2.14 -17.86 -4.54
CA LEU A 339 1.70 -19.12 -3.93
C LEU A 339 1.05 -20.03 -4.97
N LYS A 340 0.12 -19.51 -5.76
CA LYS A 340 -0.54 -20.36 -6.76
C LYS A 340 0.49 -20.95 -7.73
N SER A 341 1.47 -20.13 -8.12
CA SER A 341 2.50 -20.60 -9.05
C SER A 341 3.36 -21.69 -8.42
N ILE A 342 3.74 -21.53 -7.15
CA ILE A 342 4.50 -22.58 -6.49
C ILE A 342 3.71 -23.88 -6.41
N LEU A 343 2.44 -23.79 -6.05
CA LEU A 343 1.64 -25.00 -5.87
C LEU A 343 1.45 -25.72 -7.20
N ALA A 344 1.28 -24.97 -8.30
CA ALA A 344 1.08 -25.55 -9.62
C ALA A 344 2.36 -26.20 -10.15
N ARG A 345 3.53 -25.73 -9.70
CA ARG A 345 4.81 -26.25 -10.18
C ARG A 345 5.05 -27.66 -9.68
N GLY A 346 4.64 -27.96 -8.45
CA GLY A 346 4.82 -29.30 -7.93
C GLY A 346 6.30 -29.60 -7.75
N ASP A 347 6.74 -30.76 -8.25
CA ASP A 347 8.14 -31.16 -8.18
C ASP A 347 8.98 -30.52 -9.26
N GLY A 348 8.38 -29.65 -10.08
CA GLY A 348 9.12 -29.02 -11.15
C GLY A 348 10.20 -28.11 -10.61
N ALA A 349 11.23 -27.89 -11.43
CA ALA A 349 12.37 -27.08 -11.02
C ALA A 349 11.93 -25.64 -10.82
N ALA A 350 12.41 -25.03 -9.72
CA ALA A 350 12.24 -23.59 -9.53
C ALA A 350 13.48 -22.91 -10.12
N ASP A 351 13.51 -22.87 -11.45
CA ASP A 351 14.62 -22.29 -12.16
C ASP A 351 14.28 -20.85 -12.51
N ALA A 352 15.26 -20.17 -13.15
CA ALA A 352 15.09 -18.77 -13.47
C ALA A 352 13.90 -18.53 -14.38
N ALA A 353 13.62 -19.46 -15.30
CA ALA A 353 12.50 -19.28 -16.21
C ALA A 353 11.20 -19.28 -15.44
N TRP A 354 11.02 -20.27 -14.55
CA TRP A 354 9.82 -20.31 -13.73
C TRP A 354 9.70 -19.08 -12.85
N MET A 355 10.80 -18.65 -12.22
CA MET A 355 10.79 -17.40 -11.45
C MET A 355 10.31 -16.24 -12.29
N GLN A 356 10.89 -16.07 -13.47
CA GLN A 356 10.57 -14.93 -14.31
C GLN A 356 9.12 -14.98 -14.75
N GLN A 357 8.63 -16.17 -15.12
CA GLN A 357 7.26 -16.28 -15.60
C GLN A 357 6.28 -15.96 -14.49
N THR A 358 6.63 -16.35 -13.26
CA THR A 358 5.80 -16.06 -12.10
C THR A 358 5.63 -14.56 -11.92
N PHE A 359 6.73 -13.82 -11.97
CA PHE A 359 6.66 -12.36 -11.91
C PHE A 359 5.91 -11.78 -13.11
N ASP A 360 6.18 -12.32 -14.31
CA ASP A 360 5.52 -11.81 -15.51
C ASP A 360 4.00 -11.82 -15.40
N ARG A 361 3.44 -12.90 -14.86
CA ARG A 361 2.00 -12.99 -14.69
CA ARG A 361 2.00 -13.01 -14.68
C ARG A 361 1.48 -11.92 -13.75
N TYR A 362 2.20 -11.67 -12.66
CA TYR A 362 1.84 -10.59 -11.74
C TYR A 362 1.92 -9.24 -12.44
N TRP A 363 3.02 -8.97 -13.14
CA TRP A 363 3.26 -7.67 -13.74
C TRP A 363 2.35 -7.43 -14.94
N PHE A 364 2.45 -8.28 -15.96
CA PHE A 364 1.60 -8.07 -17.15
C PHE A 364 0.11 -8.25 -16.84
N GLY A 365 -0.24 -9.18 -15.94
CA GLY A 365 -1.63 -9.38 -15.65
C GLY A 365 -2.27 -8.32 -14.76
N TYR A 366 -1.48 -7.61 -13.96
CA TYR A 366 -2.06 -6.79 -12.90
C TYR A 366 -1.22 -5.56 -12.53
N ALA A 367 0.01 -5.78 -12.08
CA ALA A 367 0.73 -4.70 -11.42
C ALA A 367 1.15 -3.60 -12.40
N GLN A 368 1.30 -3.91 -13.70
CA GLN A 368 1.64 -2.86 -14.63
C GLN A 368 0.56 -1.79 -14.67
N TRP A 369 -0.70 -2.18 -14.45
CA TRP A 369 -1.78 -1.22 -14.53
C TRP A 369 -1.91 -0.43 -13.23
N VAL A 370 -1.73 -1.08 -12.08
CA VAL A 370 -1.63 -0.34 -10.83
C VAL A 370 -0.51 0.68 -10.93
N THR A 371 0.63 0.29 -11.51
CA THR A 371 1.82 1.14 -11.48
C THR A 371 1.65 2.32 -12.44
N GLN A 372 1.17 2.05 -13.67
CA GLN A 372 0.95 3.14 -14.63
C GLN A 372 -0.03 4.16 -14.07
N TRP A 373 -1.15 3.69 -13.50
CA TRP A 373 -2.13 4.60 -12.91
C TRP A 373 -1.51 5.47 -11.81
N THR A 374 -0.79 4.84 -10.89
CA THR A 374 -0.23 5.56 -9.77
C THR A 374 0.82 6.56 -10.24
N ASN A 375 1.63 6.18 -11.21
CA ASN A 375 2.67 7.09 -11.70
C ASN A 375 2.03 8.26 -12.47
N MET A 376 0.86 8.06 -13.06
CA MET A 376 0.17 9.17 -13.68
C MET A 376 -0.35 10.14 -12.64
N LEU A 377 -0.90 9.63 -11.54
CA LEU A 377 -1.47 10.51 -10.53
C LEU A 377 -0.41 11.31 -9.79
N LEU A 378 0.85 10.85 -9.75
CA LEU A 378 1.91 11.65 -9.12
C LEU A 378 2.23 12.90 -9.93
N ALA A 379 2.03 12.85 -11.24
CA ALA A 379 2.24 13.99 -12.10
C ALA A 379 1.06 14.95 -12.04
N PRO A 380 1.25 16.18 -12.52
CA PRO A 380 0.15 17.13 -12.51
C PRO A 380 -1.02 16.62 -13.34
N PRO A 381 -2.24 16.81 -12.86
CA PRO A 381 -3.40 16.28 -13.56
C PRO A 381 -3.68 17.06 -14.84
N PRO A 382 -3.79 16.35 -15.97
CA PRO A 382 -4.14 17.02 -17.22
C PRO A 382 -5.61 17.38 -17.25
N PRO A 383 -6.00 18.18 -18.23
CA PRO A 383 -7.39 18.70 -18.26
C PRO A 383 -8.47 17.64 -18.23
N HIS A 384 -8.34 16.55 -19.00
CA HIS A 384 -9.42 15.58 -19.02
C HIS A 384 -9.58 14.94 -17.64
N VAL A 385 -8.51 14.90 -16.83
CA VAL A 385 -8.62 14.30 -15.52
C VAL A 385 -9.38 15.22 -14.57
N LEU A 386 -9.07 16.51 -14.61
CA LEU A 386 -9.81 17.46 -13.78
C LEU A 386 -11.28 17.49 -14.16
N ASN A 387 -11.60 17.31 -15.44
CA ASN A 387 -12.99 17.21 -15.87
C ASN A 387 -13.65 15.94 -15.34
N LEU A 388 -12.93 14.82 -15.32
CA LEU A 388 -13.44 13.59 -14.73
C LEU A 388 -13.75 13.78 -13.25
N LEU A 389 -12.81 14.37 -12.49
CA LEU A 389 -13.03 14.58 -11.07
C LEU A 389 -14.21 15.50 -10.82
N GLY A 390 -14.39 16.49 -11.71
CA GLY A 390 -15.51 17.41 -11.51
C GLY A 390 -16.81 16.74 -11.86
N SER A 391 -16.84 16.02 -12.98
CA SER A 391 -18.05 15.36 -13.43
C SER A 391 -18.52 14.32 -12.41
N ALA A 392 -17.59 13.72 -11.68
CA ALA A 392 -17.99 12.68 -10.74
C ALA A 392 -18.89 13.25 -9.65
N GLY A 393 -18.75 14.54 -9.34
CA GLY A 393 -19.59 15.14 -8.33
C GLY A 393 -21.03 15.32 -8.76
N ALA A 394 -21.30 15.25 -10.06
CA ALA A 394 -22.66 15.34 -10.59
C ALA A 394 -23.13 14.08 -11.32
N VAL A 395 -22.32 13.02 -11.38
CA VAL A 395 -22.65 11.79 -12.08
C VAL A 395 -22.29 10.64 -11.15
N PRO A 396 -23.22 10.19 -10.31
CA PRO A 396 -22.84 9.29 -9.22
C PRO A 396 -22.27 7.97 -9.76
N PRO A 397 -22.73 7.48 -10.92
CA PRO A 397 -22.08 6.25 -11.44
C PRO A 397 -20.61 6.43 -11.72
N LEU A 398 -20.15 7.62 -12.14
CA LEU A 398 -18.73 7.84 -12.34
C LEU A 398 -17.99 7.92 -11.02
N ALA A 399 -18.58 8.56 -10.00
CA ALA A 399 -17.97 8.52 -8.68
C ALA A 399 -17.81 7.09 -8.18
N SER A 400 -18.83 6.26 -8.40
CA SER A 400 -18.77 4.87 -7.98
CA SER A 400 -18.77 4.87 -7.97
C SER A 400 -17.66 4.11 -8.68
N ALA A 401 -17.51 4.33 -9.99
CA ALA A 401 -16.40 3.75 -10.74
C ALA A 401 -15.05 4.17 -10.19
N PHE A 402 -14.92 5.45 -9.83
CA PHE A 402 -13.67 5.91 -9.22
C PHE A 402 -13.39 5.17 -7.94
N ALA A 403 -14.39 5.14 -7.06
CA ALA A 403 -14.21 4.52 -5.76
C ALA A 403 -13.86 3.05 -5.89
N ASN A 404 -14.65 2.30 -6.64
CA ASN A 404 -14.41 0.86 -6.70
C ASN A 404 -13.23 0.51 -7.59
N GLY A 405 -12.73 1.44 -8.39
CA GLY A 405 -11.48 1.22 -9.09
C GLY A 405 -10.31 1.01 -8.15
N PHE A 406 -10.38 1.49 -6.91
CA PHE A 406 -9.32 1.25 -5.95
C PHE A 406 -9.20 -0.21 -5.60
N ASP A 407 -10.27 -0.99 -5.85
CA ASP A 407 -10.20 -2.42 -5.58
C ASP A 407 -9.56 -3.19 -6.73
N ASP A 408 -9.51 -2.63 -7.95
CA ASP A 408 -8.91 -3.25 -9.11
C ASP A 408 -8.59 -2.17 -10.14
N PRO A 409 -7.42 -1.53 -10.02
CA PRO A 409 -7.12 -0.37 -10.89
C PRO A 409 -7.04 -0.71 -12.36
N ARG A 410 -7.10 -1.99 -12.75
CA ARG A 410 -7.26 -2.27 -14.17
C ARG A 410 -8.50 -1.59 -14.74
N THR A 411 -9.53 -1.37 -13.89
CA THR A 411 -10.82 -0.88 -14.36
C THR A 411 -10.77 0.60 -14.72
N PHE A 412 -9.66 1.29 -14.48
CA PHE A 412 -9.51 2.68 -14.92
C PHE A 412 -9.13 2.81 -16.39
N PHE A 413 -8.69 1.72 -17.04
CA PHE A 413 -8.15 1.84 -18.39
C PHE A 413 -9.20 1.45 -19.41
N PRO A 414 -9.28 2.15 -20.54
CA PRO A 414 -8.43 3.27 -20.98
C PRO A 414 -8.96 4.67 -20.67
N TRP A 415 -10.10 4.75 -19.99
CA TRP A 415 -10.80 6.02 -19.90
C TRP A 415 -10.11 7.03 -18.98
N PHE A 416 -9.34 6.57 -18.00
CA PHE A 416 -8.71 7.56 -17.12
C PHE A 416 -7.53 8.26 -17.78
N ALA A 417 -6.82 7.59 -18.68
CA ALA A 417 -5.56 8.11 -19.21
C ALA A 417 -5.69 8.82 -20.54
N ASP A 418 -6.84 8.68 -21.22
CA ASP A 418 -7.02 9.24 -22.55
C ASP A 418 -8.26 10.12 -22.60
N ALA A 419 -8.10 11.33 -23.15
CA ALA A 419 -9.18 12.32 -23.11
C ALA A 419 -10.43 11.86 -23.86
N ALA A 420 -10.26 11.35 -25.06
CA ALA A 420 -11.43 10.94 -25.83
C ALA A 420 -12.18 9.81 -25.15
N GLU A 421 -11.44 8.85 -24.59
CA GLU A 421 -12.12 7.75 -23.90
C GLU A 421 -12.75 8.24 -22.59
N SER A 422 -12.14 9.22 -21.91
CA SER A 422 -12.80 9.74 -20.71
C SER A 422 -14.16 10.32 -21.04
N GLU A 423 -14.29 11.02 -22.18
CA GLU A 423 -15.59 11.59 -22.53
C GLU A 423 -16.61 10.50 -22.83
N ARG A 424 -16.16 9.42 -23.48
CA ARG A 424 -17.07 8.31 -23.73
C ARG A 424 -17.57 7.69 -22.44
N TYR A 425 -16.68 7.55 -21.44
CA TYR A 425 -17.12 6.88 -20.22
C TYR A 425 -18.01 7.79 -19.39
N ILE A 426 -17.72 9.09 -19.36
CA ILE A 426 -18.64 10.00 -18.70
C ILE A 426 -20.04 9.86 -19.28
N ALA A 427 -20.14 9.73 -20.59
CA ALA A 427 -21.44 9.58 -21.25
C ALA A 427 -22.13 8.29 -20.83
N THR A 428 -21.38 7.19 -20.81
CA THR A 428 -21.94 5.92 -20.35
C THR A 428 -22.48 6.05 -18.93
N CYS A 429 -21.70 6.68 -18.04
CA CYS A 429 -22.15 6.82 -16.66
C CYS A 429 -23.38 7.74 -16.57
N ALA A 430 -23.38 8.83 -17.33
CA ALA A 430 -24.52 9.75 -17.32
C ALA A 430 -25.80 9.05 -17.72
N ALA A 431 -25.73 8.14 -18.70
CA ALA A 431 -26.91 7.49 -19.24
C ALA A 431 -27.63 6.56 -18.27
N VAL A 432 -26.98 6.15 -17.16
CA VAL A 432 -27.59 5.26 -16.17
C VAL A 432 -27.73 5.91 -14.80
N ALA A 433 -27.45 7.21 -14.71
CA ALA A 433 -27.56 7.92 -13.43
C ALA A 433 -29.00 8.10 -13.05
PA FAD B . 7.25 -5.16 4.10
O1A FAD B . 5.86 -5.31 4.61
O2A FAD B . 7.86 -3.84 4.31
O5B FAD B . 8.14 -6.29 4.69
C5B FAD B . 9.58 -6.26 4.46
C4B FAD B . 10.20 -6.76 5.75
O4B FAD B . 11.55 -7.27 5.51
C3B FAD B . 10.35 -5.69 6.84
O3B FAD B . 10.02 -6.30 8.09
C2B FAD B . 11.84 -5.35 6.79
O2B FAD B . 12.35 -4.84 8.02
C1B FAD B . 12.39 -6.75 6.52
N9A FAD B . 13.77 -6.79 6.07
C8A FAD B . 14.44 -5.88 5.32
N7A FAD B . 15.69 -6.22 5.06
C5A FAD B . 15.83 -7.44 5.69
C6A FAD B . 16.92 -8.33 5.82
N6A FAD B . 18.14 -8.07 5.35
N1A FAD B . 16.73 -9.47 6.51
C2A FAD B . 15.54 -9.69 7.07
N3A FAD B . 14.44 -8.92 7.04
C4A FAD B . 14.66 -7.81 6.32
N1 FAD B . -0.31 0.16 1.16
C2 FAD B . -1.70 0.05 1.06
O2 FAD B . -2.24 -0.87 0.42
N3 FAD B . -2.51 1.01 1.60
C4 FAD B . -2.09 2.17 2.24
O4 FAD B . -2.93 2.92 2.71
C4X FAD B . -0.58 2.30 2.31
N5 FAD B . -0.09 3.38 2.84
C5X FAD B . 1.30 3.46 2.96
C6 FAD B . 1.84 4.62 3.52
C7 FAD B . 3.22 4.75 3.68
C7M FAD B . 3.79 6.03 4.28
C8 FAD B . 4.07 3.70 3.29
C8M FAD B . 5.55 3.78 3.51
C9 FAD B . 3.53 2.56 2.71
C9A FAD B . 2.15 2.43 2.54
N10 FAD B . 1.58 1.29 1.94
C10 FAD B . 0.20 1.22 1.77
C1' FAD B . 2.46 0.27 1.33
C2' FAD B . 2.60 -1.01 2.15
O2' FAD B . 2.81 -0.66 3.52
C3' FAD B . 3.75 -1.87 1.62
O3' FAD B . 3.73 -1.81 0.20
C4' FAD B . 3.75 -3.32 2.07
O4' FAD B . 4.11 -3.44 3.46
C5' FAD B . 4.72 -4.19 1.27
O5' FAD B . 4.78 -5.50 1.82
P FAD B . 6.21 -6.27 1.62
O1P FAD B . 6.10 -7.66 2.08
O2P FAD B . 6.68 -6.05 0.19
O3P FAD B . 7.25 -5.44 2.52
HOA2 FAD B . 7.46 -2.98 4.61
H51A FAD B . 9.86 -5.24 4.21
H52A FAD B . 9.81 -6.87 3.59
H4B FAD B . 9.70 -7.65 6.11
H3B FAD B . 9.74 -4.79 6.70
HO3A FAD B . 9.59 -5.65 8.69
H2B FAD B . 12.03 -4.64 6.00
HO2A FAD B . 12.11 -5.52 8.71
H1B FAD B . 12.34 -7.39 7.40
H8A FAD B . 13.97 -4.97 4.97
H61A FAD B . 18.89 -8.74 5.46
H62A FAD B . 18.34 -7.21 4.86
H2A FAD B . 15.44 -10.63 7.62
HN3 FAD B . -3.51 0.88 1.54
H6 FAD B . 1.20 5.44 3.84
HM71 FAD B . 4.50 6.51 3.61
HM72 FAD B . 3.02 6.77 4.48
HM73 FAD B . 4.31 5.86 5.21
HM81 FAD B . 6.04 2.89 3.13
HM82 FAD B . 5.96 4.65 3.01
HM83 FAD B . 5.76 3.85 4.58
H9 FAD B . 4.22 1.77 2.40
H1'1 FAD B . 3.45 0.70 1.14
H1'2 FAD B . 2.11 0.02 0.33
H2' FAD B . 1.69 -1.59 2.19
HO2' FAD B . 3.62 -1.15 3.82
H3' FAD B . 4.71 -1.41 1.86
H4' FAD B . 2.72 -3.69 2.06
HO4' FAD B . 4.44 -4.35 3.64
H5'1 FAD B . 5.73 -3.76 1.26
H5'2 FAD B . 4.43 -4.26 0.22
HOP2 FAD B . 7.58 -6.26 -0.19
C1 EDO C . -1.49 17.79 -6.04
O1 EDO C . -2.79 17.22 -5.86
C2 EDO C . -1.30 18.14 -7.52
O2 EDO C . 0.09 18.38 -7.78
H11 EDO C . -0.72 17.07 -5.72
H12 EDO C . -1.39 18.69 -5.42
HO1 EDO C . -2.92 16.97 -4.94
H21 EDO C . -1.89 19.03 -7.76
H22 EDO C . -1.66 17.32 -8.15
HO2 EDO C . 0.20 18.64 -8.71
C1 EDO D . -17.43 -6.46 3.84
O1 EDO D . -17.06 -7.80 3.51
C2 EDO D . -18.63 -6.07 2.97
O2 EDO D . -18.87 -4.68 3.08
H11 EDO D . -17.70 -6.41 4.90
H12 EDO D . -16.60 -5.79 3.66
HO1 EDO D . -16.32 -8.07 4.06
H21 EDO D . -19.51 -6.62 3.29
H22 EDO D . -18.43 -6.34 1.93
HO2 EDO D . -19.63 -4.43 2.54
C8 16R E . -2.61 6.54 2.11
C8 16R E . -2.88 7.83 -0.61
S7 16R E . -3.01 7.08 0.48
S7 16R E . -3.42 7.27 0.97
C4 16R E . -4.48 6.16 0.13
C4 16R E . -4.69 6.12 0.54
C3 16R E . -5.28 6.34 -1.01
C3 16R E . -5.37 6.30 -0.65
C5 16R E . -4.82 5.20 1.06
C5 16R E . -5.02 5.06 1.38
C6 16R E . -5.93 4.42 0.87
C6 16R E . -6.04 4.21 1.03
C1 16R E . -6.73 4.58 -0.24
C1 16R E . -6.73 4.39 -0.15
C2 16R E . -6.39 5.54 -1.18
C2 16R E . -6.39 5.43 -0.99
H1 16R E . -1.64 6.98 2.34
H1 16R E . -2.02 8.49 -0.44
H2 16R E . -3.39 6.91 2.76
H2 16R E . -2.61 6.95 -1.19
H3 16R E . -2.58 5.46 2.09
H3 16R E . -3.72 8.37 -1.06
H4 16R E . -5.01 7.10 -1.74
H4 16R E . -5.10 7.12 -1.32
H5 16R E . -4.20 5.06 1.95
H5 16R E . -4.47 4.91 2.31
H6 16R E . -6.20 3.67 1.62
H6 16R E . -6.30 3.39 1.69
H7 16R E . -7.60 3.96 -0.39
H7 16R E . -7.54 3.71 -0.42
H8 16R E . -7.01 5.67 -2.06
H8 16R E . -6.93 5.57 -1.93
#